data_4KPO
#
_entry.id   4KPO
#
_cell.length_a   76.440
_cell.length_b   85.780
_cell.length_c   87.390
_cell.angle_alpha   90.00
_cell.angle_beta   90.00
_cell.angle_gamma   90.00
#
_symmetry.space_group_name_H-M   'P 21 21 21'
#
loop_
_entity.id
_entity.type
_entity.pdbx_description
1 polymer 'Nucleoside N-ribohydrolase 3'
2 non-polymer 'CALCIUM ION'
3 water water
#
_entity_poly.entity_id   1
_entity_poly.type   'polypeptide(L)'
_entity_poly.pdbx_seq_one_letter_code
;MGSSHHHHHHSQDPNSKIIIDTDPGIDDSVAILMAFQMPGVQVLGLTTIFGNCTTEHATRNALILCEKASHLEVPVAEGS
HEPLKGGKPHVADFVHGPDGLGNVDLPDPTIKKVEESATDFLVDKVSRFPGEVSVLALGPLTNIALAIKKDPSFVKNVKK
IVVLGGAFFAAGNATPSAEANIHSDPEAADMVFTSGADIYVVGLNITTQVSFTDKDLLELRNSQGKYAQFLCDVCKFYLD
WHTESYGAPVIFLHDPVSFAALVRPELFTFKKGVVRVETQGICVGHTSMDMLLKKWNSENPWTGYSPISVAWTVDVPKVV
AFVKELVTKP
;
_entity_poly.pdbx_strand_id   A,B
#
# COMPACT_ATOMS: atom_id res chain seq x y z
N PRO A 14 -39.76 -5.68 -5.75
CA PRO A 14 -38.43 -6.02 -6.27
C PRO A 14 -37.54 -4.80 -6.53
N ASN A 15 -38.17 -3.62 -6.66
CA ASN A 15 -37.58 -2.30 -6.90
C ASN A 15 -36.56 -1.93 -5.80
N SER A 16 -35.32 -1.58 -6.20
CA SER A 16 -34.24 -1.20 -5.27
C SER A 16 -34.02 0.31 -5.24
N LYS A 17 -34.26 0.93 -4.06
CA LYS A 17 -34.14 2.37 -3.83
C LYS A 17 -32.69 2.78 -3.59
N ILE A 18 -32.13 3.64 -4.48
CA ILE A 18 -30.75 4.10 -4.36
C ILE A 18 -30.59 5.62 -4.46
N ILE A 19 -29.54 6.15 -3.79
CA ILE A 19 -29.14 7.55 -3.85
C ILE A 19 -27.70 7.55 -4.35
N ILE A 20 -27.43 8.36 -5.39
CA ILE A 20 -26.09 8.47 -5.96
C ILE A 20 -25.41 9.76 -5.50
N ASP A 21 -24.34 9.62 -4.69
CA ASP A 21 -23.50 10.73 -4.22
C ASP A 21 -22.40 10.80 -5.28
N THR A 22 -22.38 11.88 -6.07
CA THR A 22 -21.48 11.96 -7.23
C THR A 22 -20.91 13.33 -7.57
N ASP A 23 -19.78 13.31 -8.30
CA ASP A 23 -19.06 14.46 -8.83
C ASP A 23 -18.95 14.31 -10.38
N PRO A 24 -20.07 14.32 -11.15
CA PRO A 24 -19.93 14.09 -12.60
C PRO A 24 -19.17 15.17 -13.38
N GLY A 25 -18.05 14.82 -14.00
CA GLY A 25 -17.45 13.47 -14.02
C GLY A 25 -17.88 12.64 -15.21
N ILE A 26 -16.91 12.23 -16.04
CA ILE A 26 -17.11 11.42 -17.24
C ILE A 26 -17.58 10.01 -16.89
N ASP A 27 -16.80 9.29 -16.05
CA ASP A 27 -17.11 7.94 -15.60
C ASP A 27 -18.35 7.90 -14.68
N ASP A 28 -18.61 9.00 -13.93
CA ASP A 28 -19.78 9.16 -13.06
C ASP A 28 -21.05 9.20 -13.94
N SER A 29 -20.99 9.95 -15.07
CA SER A 29 -22.07 10.09 -16.04
C SER A 29 -22.49 8.75 -16.65
N VAL A 30 -21.51 7.87 -16.93
CA VAL A 30 -21.75 6.52 -17.47
C VAL A 30 -22.55 5.71 -16.43
N ALA A 31 -22.11 5.74 -15.16
CA ALA A 31 -22.73 5.03 -14.04
C ALA A 31 -24.14 5.55 -13.73
N ILE A 32 -24.37 6.89 -13.81
CA ILE A 32 -25.68 7.50 -13.56
C ILE A 32 -26.69 7.03 -14.63
N LEU A 33 -26.25 7.07 -15.90
CA LEU A 33 -27.07 6.64 -17.04
C LEU A 33 -27.36 5.14 -17.00
N MET A 34 -26.41 4.33 -16.48
CA MET A 34 -26.54 2.89 -16.27
C MET A 34 -27.60 2.61 -15.22
N ALA A 35 -27.62 3.42 -14.14
CA ALA A 35 -28.58 3.33 -13.03
C ALA A 35 -30.00 3.65 -13.53
N PHE A 36 -30.13 4.64 -14.42
CA PHE A 36 -31.40 5.05 -15.03
C PHE A 36 -31.90 3.98 -16.03
N GLN A 37 -30.98 3.16 -16.57
CA GLN A 37 -31.28 2.08 -17.52
C GLN A 37 -31.46 0.73 -16.80
N MET A 38 -31.03 0.62 -15.52
CA MET A 38 -31.15 -0.59 -14.71
C MET A 38 -32.63 -0.86 -14.38
N PRO A 39 -33.13 -2.07 -14.71
CA PRO A 39 -34.58 -2.37 -14.52
C PRO A 39 -35.18 -2.23 -13.11
N GLY A 40 -34.65 -2.96 -12.14
CA GLY A 40 -35.17 -2.94 -10.77
C GLY A 40 -34.49 -1.93 -9.87
N VAL A 41 -34.21 -0.73 -10.42
CA VAL A 41 -33.52 0.34 -9.70
C VAL A 41 -34.28 1.67 -9.78
N GLN A 42 -34.48 2.30 -8.62
CA GLN A 42 -35.11 3.61 -8.52
C GLN A 42 -34.08 4.57 -7.95
N VAL A 43 -33.75 5.62 -8.71
CA VAL A 43 -32.81 6.62 -8.27
C VAL A 43 -33.65 7.67 -7.53
N LEU A 44 -33.57 7.64 -6.19
CA LEU A 44 -34.27 8.55 -5.29
C LEU A 44 -33.80 9.99 -5.46
N GLY A 45 -32.54 10.16 -5.87
CA GLY A 45 -31.95 11.46 -6.11
C GLY A 45 -30.45 11.42 -6.36
N LEU A 46 -29.92 12.52 -6.90
CA LEU A 46 -28.49 12.69 -7.15
C LEU A 46 -27.94 13.72 -6.18
N THR A 47 -26.96 13.31 -5.38
CA THR A 47 -26.28 14.09 -4.36
C THR A 47 -24.95 14.57 -4.97
N THR A 48 -24.75 15.90 -5.07
CA THR A 48 -23.54 16.42 -5.69
C THR A 48 -22.42 16.80 -4.74
N ILE A 49 -21.17 16.63 -5.22
CA ILE A 49 -19.95 16.90 -4.48
C ILE A 49 -18.81 17.32 -5.44
N PHE A 50 -17.75 17.94 -4.91
CA PHE A 50 -16.53 18.33 -5.65
C PHE A 50 -15.71 17.05 -5.96
N GLY A 51 -14.59 17.20 -6.63
CA GLY A 51 -13.71 16.08 -6.96
C GLY A 51 -13.18 16.15 -8.37
N ASN A 52 -13.94 15.58 -9.33
CA ASN A 52 -13.61 15.60 -10.76
C ASN A 52 -13.77 17.02 -11.30
N CYS A 53 -14.67 17.78 -10.67
CA CYS A 53 -14.99 19.17 -10.97
C CYS A 53 -15.45 19.85 -9.67
N THR A 54 -15.78 21.15 -9.72
CA THR A 54 -16.28 21.89 -8.56
C THR A 54 -17.71 21.39 -8.25
N THR A 55 -18.24 21.69 -7.05
CA THR A 55 -19.59 21.29 -6.64
C THR A 55 -20.63 21.95 -7.57
N GLU A 56 -20.37 23.22 -7.97
CA GLU A 56 -21.21 24.00 -8.89
C GLU A 56 -21.38 23.27 -10.22
N HIS A 57 -20.26 22.85 -10.83
CA HIS A 57 -20.21 22.12 -12.10
C HIS A 57 -20.87 20.75 -12.01
N ALA A 58 -20.58 20.00 -10.92
CA ALA A 58 -21.14 18.68 -10.64
C ALA A 58 -22.66 18.73 -10.59
N THR A 59 -23.23 19.79 -9.97
CA THR A 59 -24.67 20.03 -9.86
C THR A 59 -25.28 20.26 -11.25
N ARG A 60 -24.64 21.13 -12.06
CA ARG A 60 -25.06 21.45 -13.43
C ARG A 60 -25.09 20.19 -14.29
N ASN A 61 -24.00 19.40 -14.26
CA ASN A 61 -23.83 18.17 -15.02
C ASN A 61 -24.86 17.11 -14.64
N ALA A 62 -25.20 17.02 -13.33
CA ALA A 62 -26.21 16.10 -12.80
C ALA A 62 -27.60 16.47 -13.32
N LEU A 63 -27.90 17.79 -13.40
CA LEU A 63 -29.17 18.30 -13.92
C LEU A 63 -29.27 18.01 -15.42
N ILE A 64 -28.16 18.19 -16.16
CA ILE A 64 -28.07 17.89 -17.60
C ILE A 64 -28.39 16.41 -17.85
N LEU A 65 -27.81 15.50 -17.05
CA LEU A 65 -28.01 14.05 -17.14
C LEU A 65 -29.47 13.65 -16.94
N CYS A 66 -30.15 14.26 -15.95
CA CYS A 66 -31.57 14.03 -15.66
C CYS A 66 -32.44 14.43 -16.85
N GLU A 67 -32.11 15.56 -17.50
CA GLU A 67 -32.80 16.08 -18.68
C GLU A 67 -32.61 15.16 -19.88
N LYS A 68 -31.37 14.73 -20.15
CA LYS A 68 -31.03 13.86 -21.26
C LYS A 68 -31.68 12.48 -21.14
N ALA A 69 -31.74 11.95 -19.91
CA ALA A 69 -32.32 10.64 -19.63
C ALA A 69 -33.84 10.64 -19.45
N SER A 70 -34.47 11.83 -19.54
CA SER A 70 -35.92 12.06 -19.37
C SER A 70 -36.37 11.68 -17.94
N HIS A 71 -35.47 11.92 -16.97
CA HIS A 71 -35.64 11.65 -15.56
C HIS A 71 -35.69 12.96 -14.76
N LEU A 72 -36.59 13.85 -15.20
CA LEU A 72 -36.81 15.16 -14.60
C LEU A 72 -37.44 15.08 -13.21
N GLU A 73 -38.04 13.91 -12.89
CA GLU A 73 -38.63 13.60 -11.59
C GLU A 73 -37.54 13.33 -10.54
N VAL A 74 -36.31 12.96 -11.00
CA VAL A 74 -35.19 12.66 -10.12
C VAL A 74 -34.61 13.99 -9.57
N PRO A 75 -34.75 14.25 -8.26
CA PRO A 75 -34.23 15.51 -7.70
C PRO A 75 -32.70 15.52 -7.56
N VAL A 76 -32.11 16.72 -7.68
CA VAL A 76 -30.67 16.92 -7.55
C VAL A 76 -30.43 17.83 -6.35
N ALA A 77 -29.72 17.31 -5.33
CA ALA A 77 -29.41 18.04 -4.11
C ALA A 77 -27.92 18.37 -4.08
N GLU A 78 -27.60 19.68 -4.01
CA GLU A 78 -26.23 20.17 -3.96
C GLU A 78 -25.63 19.98 -2.57
N GLY A 79 -24.42 19.45 -2.53
CA GLY A 79 -23.69 19.21 -1.30
C GLY A 79 -22.59 20.22 -1.03
N SER A 80 -21.62 19.80 -0.21
CA SER A 80 -20.48 20.60 0.23
C SER A 80 -19.58 21.06 -0.91
N HIS A 81 -19.11 22.30 -0.82
CA HIS A 81 -18.24 22.94 -1.80
C HIS A 81 -16.75 22.75 -1.47
N GLU A 82 -16.48 22.27 -0.24
CA GLU A 82 -15.13 22.04 0.26
C GLU A 82 -15.06 20.86 1.25
N PRO A 83 -13.87 20.24 1.48
CA PRO A 83 -13.82 19.11 2.42
C PRO A 83 -14.06 19.49 3.89
N LEU A 84 -14.18 18.47 4.78
CA LEU A 84 -14.42 18.67 6.21
C LEU A 84 -13.44 19.65 6.88
N LYS A 85 -12.13 19.54 6.54
CA LYS A 85 -11.08 20.41 7.07
C LYS A 85 -11.16 21.86 6.52
N GLY A 86 -11.89 22.04 5.42
CA GLY A 86 -12.06 23.34 4.76
C GLY A 86 -11.06 23.57 3.65
N GLY A 87 -11.13 24.74 3.03
CA GLY A 87 -10.24 25.13 1.94
C GLY A 87 -10.72 24.69 0.58
N LYS A 88 -10.42 25.52 -0.46
CA LYS A 88 -10.79 25.26 -1.85
C LYS A 88 -10.19 23.94 -2.34
N PRO A 89 -11.02 22.95 -2.73
CA PRO A 89 -10.47 21.66 -3.17
C PRO A 89 -9.76 21.70 -4.52
N HIS A 90 -8.80 20.79 -4.72
CA HIS A 90 -8.07 20.65 -5.97
C HIS A 90 -8.87 19.70 -6.86
N VAL A 91 -9.50 20.27 -7.91
CA VAL A 91 -10.32 19.50 -8.83
C VAL A 91 -9.53 18.89 -10.00
N ALA A 92 -9.96 17.70 -10.44
CA ALA A 92 -9.31 16.97 -11.53
C ALA A 92 -9.83 17.38 -12.92
N ASP A 93 -9.65 18.66 -13.29
CA ASP A 93 -10.07 19.21 -14.58
C ASP A 93 -9.20 18.75 -15.76
N PHE A 94 -7.99 18.24 -15.46
CA PHE A 94 -7.03 17.74 -16.44
C PHE A 94 -7.48 16.38 -17.01
N VAL A 95 -8.23 15.60 -16.19
CA VAL A 95 -8.77 14.26 -16.51
C VAL A 95 -10.24 14.32 -16.98
N HIS A 96 -11.03 15.26 -16.43
CA HIS A 96 -12.46 15.37 -16.75
C HIS A 96 -12.93 16.56 -17.60
N GLY A 97 -12.05 17.52 -17.84
CA GLY A 97 -12.39 18.71 -18.62
C GLY A 97 -12.59 19.92 -17.73
N PRO A 98 -12.57 21.15 -18.28
CA PRO A 98 -12.76 22.35 -17.42
C PRO A 98 -14.07 22.40 -16.64
N ASP A 99 -15.16 21.84 -17.23
CA ASP A 99 -16.51 21.79 -16.64
C ASP A 99 -16.81 20.42 -16.01
N GLY A 100 -15.90 19.48 -16.19
CA GLY A 100 -16.02 18.11 -15.67
C GLY A 100 -16.78 17.15 -16.57
N LEU A 101 -17.03 17.55 -17.83
CA LEU A 101 -17.75 16.74 -18.79
C LEU A 101 -17.06 16.69 -20.17
N GLY A 102 -15.72 16.70 -20.14
CA GLY A 102 -14.87 16.66 -21.32
C GLY A 102 -14.99 17.91 -22.18
N ASN A 103 -15.09 17.72 -23.50
CA ASN A 103 -15.24 18.80 -24.47
C ASN A 103 -16.70 18.91 -24.94
N VAL A 104 -17.59 18.13 -24.30
CA VAL A 104 -19.03 18.06 -24.60
C VAL A 104 -19.69 19.40 -24.22
N ASP A 105 -19.89 20.27 -25.22
CA ASP A 105 -20.50 21.58 -25.09
C ASP A 105 -22.03 21.47 -25.11
N LEU A 106 -22.63 21.42 -23.92
CA LEU A 106 -24.08 21.33 -23.75
C LEU A 106 -24.65 22.61 -23.16
N PRO A 107 -25.85 23.07 -23.59
CA PRO A 107 -26.42 24.30 -23.03
C PRO A 107 -26.91 24.11 -21.59
N ASP A 108 -27.04 25.23 -20.85
CA ASP A 108 -27.50 25.28 -19.46
C ASP A 108 -28.82 24.51 -19.25
N PRO A 109 -28.91 23.67 -18.20
CA PRO A 109 -30.17 22.92 -17.98
C PRO A 109 -31.31 23.84 -17.56
N THR A 110 -32.52 23.57 -18.06
CA THR A 110 -33.73 24.34 -17.76
C THR A 110 -34.25 24.03 -16.35
N ILE A 111 -33.93 22.83 -15.83
CA ILE A 111 -34.31 22.38 -14.49
C ILE A 111 -33.35 22.90 -13.43
N LYS A 112 -33.83 23.02 -12.18
CA LYS A 112 -33.09 23.53 -11.05
C LYS A 112 -32.87 22.48 -9.96
N LYS A 113 -31.89 22.72 -9.08
CA LYS A 113 -31.58 21.89 -7.93
C LYS A 113 -32.68 22.07 -6.87
N VAL A 114 -32.84 21.10 -5.96
CA VAL A 114 -33.81 21.21 -4.86
C VAL A 114 -33.24 22.15 -3.78
N GLU A 115 -34.11 22.73 -2.93
CA GLU A 115 -33.68 23.67 -1.90
C GLU A 115 -32.84 23.03 -0.80
N GLU A 116 -33.15 21.78 -0.44
CA GLU A 116 -32.42 21.05 0.62
C GLU A 116 -31.00 20.65 0.21
N SER A 117 -30.07 20.64 1.18
CA SER A 117 -28.69 20.25 0.95
C SER A 117 -28.63 18.72 0.75
N ALA A 118 -27.49 18.22 0.23
CA ALA A 118 -27.27 16.80 0.01
C ALA A 118 -27.34 16.02 1.32
N THR A 119 -26.83 16.62 2.42
CA THR A 119 -26.85 16.06 3.78
C THR A 119 -28.30 15.89 4.26
N ASP A 120 -29.13 16.94 4.11
CA ASP A 120 -30.53 16.94 4.51
C ASP A 120 -31.37 16.00 3.67
N PHE A 121 -31.07 15.87 2.37
CA PHE A 121 -31.76 14.96 1.45
C PHE A 121 -31.46 13.51 1.84
N LEU A 122 -30.16 13.21 2.12
CA LEU A 122 -29.65 11.91 2.54
C LEU A 122 -30.34 11.43 3.81
N VAL A 123 -30.33 12.28 4.86
CA VAL A 123 -30.93 12.03 6.18
C VAL A 123 -32.43 11.78 6.08
N ASP A 124 -33.15 12.60 5.31
CA ASP A 124 -34.59 12.52 5.09
C ASP A 124 -35.05 11.23 4.41
N LYS A 125 -34.46 10.89 3.23
CA LYS A 125 -34.84 9.71 2.45
C LYS A 125 -34.56 8.39 3.17
N VAL A 126 -33.44 8.33 3.89
CA VAL A 126 -33.01 7.16 4.66
C VAL A 126 -33.95 6.92 5.87
N SER A 127 -34.34 8.00 6.58
CA SER A 127 -35.25 7.93 7.73
C SER A 127 -36.69 7.60 7.31
N ARG A 128 -37.08 8.01 6.08
CA ARG A 128 -38.39 7.76 5.47
C ARG A 128 -38.52 6.28 5.10
N PHE A 129 -37.47 5.71 4.49
CA PHE A 129 -37.43 4.30 4.08
C PHE A 129 -36.31 3.57 4.86
N PRO A 130 -36.53 3.22 6.16
CA PRO A 130 -35.45 2.55 6.92
C PRO A 130 -35.11 1.15 6.42
N GLY A 131 -33.81 0.90 6.26
CA GLY A 131 -33.25 -0.36 5.79
C GLY A 131 -33.56 -0.68 4.33
N GLU A 132 -33.92 0.34 3.55
CA GLU A 132 -34.31 0.19 2.14
C GLU A 132 -33.40 0.95 1.16
N VAL A 133 -32.78 2.06 1.62
CA VAL A 133 -31.96 2.92 0.77
C VAL A 133 -30.48 2.54 0.77
N SER A 134 -29.97 2.21 -0.44
CA SER A 134 -28.56 1.90 -0.67
C SER A 134 -27.91 3.17 -1.21
N VAL A 135 -26.78 3.58 -0.64
CA VAL A 135 -26.08 4.79 -1.05
C VAL A 135 -24.85 4.45 -1.90
N LEU A 136 -24.83 4.93 -3.15
CA LEU A 136 -23.70 4.73 -4.03
C LEU A 136 -22.85 6.00 -4.03
N ALA A 137 -21.70 5.94 -3.32
CA ALA A 137 -20.75 7.04 -3.20
C ALA A 137 -19.73 6.97 -4.33
N LEU A 138 -19.89 7.84 -5.32
CA LEU A 138 -19.05 7.92 -6.52
C LEU A 138 -17.97 9.01 -6.46
N GLY A 139 -17.95 9.79 -5.38
CA GLY A 139 -16.96 10.83 -5.17
C GLY A 139 -16.52 10.95 -3.73
N PRO A 140 -15.86 12.08 -3.35
CA PRO A 140 -15.45 12.29 -1.94
C PRO A 140 -16.62 12.08 -0.98
N LEU A 141 -16.34 11.48 0.18
CA LEU A 141 -17.33 11.09 1.18
C LEU A 141 -17.85 12.19 2.14
N THR A 142 -17.63 13.48 1.81
CA THR A 142 -18.04 14.62 2.63
C THR A 142 -19.53 14.63 3.04
N ASN A 143 -20.46 14.49 2.07
CA ASN A 143 -21.90 14.51 2.35
C ASN A 143 -22.35 13.36 3.24
N ILE A 144 -21.81 12.14 3.01
CA ILE A 144 -22.12 10.94 3.80
C ILE A 144 -21.64 11.10 5.25
N ALA A 145 -20.43 11.65 5.46
CA ALA A 145 -19.87 11.91 6.79
C ALA A 145 -20.69 12.97 7.53
N LEU A 146 -21.12 14.04 6.83
CA LEU A 146 -21.95 15.11 7.40
C LEU A 146 -23.34 14.57 7.78
N ALA A 147 -23.87 13.62 6.99
CA ALA A 147 -25.15 12.94 7.23
C ALA A 147 -25.07 12.03 8.46
N ILE A 148 -23.90 11.35 8.65
CA ILE A 148 -23.64 10.48 9.79
C ILE A 148 -23.59 11.32 11.08
N LYS A 149 -22.90 12.48 11.01
CA LYS A 149 -22.75 13.41 12.13
C LYS A 149 -24.06 14.11 12.52
N LYS A 150 -24.97 14.35 11.55
CA LYS A 150 -26.25 15.01 11.78
C LYS A 150 -27.29 14.07 12.41
N ASP A 151 -27.41 12.83 11.88
CA ASP A 151 -28.36 11.83 12.35
C ASP A 151 -27.65 10.58 12.90
N PRO A 152 -27.80 10.26 14.20
CA PRO A 152 -27.12 9.05 14.73
C PRO A 152 -27.75 7.74 14.25
N SER A 153 -29.03 7.79 13.83
CA SER A 153 -29.77 6.63 13.32
C SER A 153 -29.55 6.37 11.82
N PHE A 154 -28.81 7.28 11.12
CA PHE A 154 -28.48 7.18 9.70
C PHE A 154 -27.73 5.88 9.39
N VAL A 155 -26.67 5.60 10.19
CA VAL A 155 -25.81 4.41 10.08
C VAL A 155 -26.67 3.11 10.18
N LYS A 156 -27.63 3.11 11.13
CA LYS A 156 -28.54 2.01 11.37
C LYS A 156 -29.58 1.87 10.25
N ASN A 157 -30.14 3.00 9.77
CA ASN A 157 -31.18 3.03 8.73
C ASN A 157 -30.73 2.79 7.28
N VAL A 158 -29.45 3.06 6.92
CA VAL A 158 -28.96 2.81 5.55
C VAL A 158 -28.91 1.31 5.28
N LYS A 159 -29.39 0.86 4.12
CA LYS A 159 -29.36 -0.56 3.74
C LYS A 159 -27.89 -0.98 3.57
N LYS A 160 -27.14 -0.19 2.78
CA LYS A 160 -25.71 -0.37 2.50
C LYS A 160 -25.10 0.86 1.83
N ILE A 161 -23.79 1.07 2.02
CA ILE A 161 -23.05 2.14 1.38
C ILE A 161 -22.01 1.51 0.47
N VAL A 162 -22.14 1.71 -0.85
CA VAL A 162 -21.18 1.22 -1.83
C VAL A 162 -20.26 2.38 -2.15
N VAL A 163 -18.99 2.26 -1.74
CA VAL A 163 -17.99 3.31 -1.89
C VAL A 163 -17.01 2.99 -3.01
N LEU A 164 -16.82 3.97 -3.90
CA LEU A 164 -15.83 3.94 -4.95
C LEU A 164 -14.71 4.80 -4.40
N GLY A 165 -13.62 4.15 -4.04
CA GLY A 165 -12.48 4.84 -3.47
C GLY A 165 -11.50 3.90 -2.80
N GLY A 166 -10.32 4.45 -2.54
CA GLY A 166 -9.23 3.73 -1.92
C GLY A 166 -8.39 2.96 -2.90
N ALA A 167 -7.24 2.50 -2.42
CA ALA A 167 -6.28 1.69 -3.13
C ALA A 167 -5.72 0.74 -2.07
N PHE A 168 -6.12 -0.53 -2.16
CA PHE A 168 -5.75 -1.59 -1.23
C PHE A 168 -4.72 -2.48 -1.87
N PHE A 169 -3.45 -2.30 -1.45
CA PHE A 169 -2.28 -3.02 -1.96
C PHE A 169 -2.10 -2.78 -3.47
N ALA A 170 -2.30 -1.50 -3.86
CA ALA A 170 -2.21 -1.00 -5.22
C ALA A 170 -1.86 0.48 -5.21
N ALA A 171 -1.32 0.99 -6.34
CA ALA A 171 -0.93 2.40 -6.47
C ALA A 171 -2.17 3.30 -6.54
N GLY A 172 -2.05 4.49 -5.95
CA GLY A 172 -3.11 5.49 -5.98
C GLY A 172 -3.05 6.29 -7.27
N ASN A 173 -4.06 7.15 -7.51
CA ASN A 173 -4.10 7.99 -8.71
C ASN A 173 -3.94 9.50 -8.40
N ALA A 174 -4.18 9.92 -7.15
CA ALA A 174 -3.99 11.31 -6.72
C ALA A 174 -2.52 11.48 -6.39
N THR A 175 -1.96 10.52 -5.63
CA THR A 175 -0.56 10.39 -5.23
C THR A 175 -0.22 8.89 -5.34
N PRO A 176 1.06 8.44 -5.34
CA PRO A 176 1.34 6.98 -5.38
C PRO A 176 0.68 6.19 -4.25
N SER A 177 0.36 6.88 -3.14
CA SER A 177 -0.25 6.35 -1.91
C SER A 177 -1.78 6.47 -1.83
N ALA A 178 -2.35 7.49 -2.49
CA ALA A 178 -3.78 7.78 -2.37
C ALA A 178 -4.60 7.83 -3.66
N GLU A 179 -5.84 7.35 -3.55
CA GLU A 179 -6.87 7.41 -4.60
C GLU A 179 -7.57 8.78 -4.41
N ALA A 180 -7.93 9.42 -5.54
CA ALA A 180 -8.57 10.75 -5.62
C ALA A 180 -9.70 11.04 -4.65
N ASN A 181 -10.75 10.20 -4.61
CA ASN A 181 -11.91 10.38 -3.74
C ASN A 181 -11.57 10.45 -2.27
N ILE A 182 -10.63 9.60 -1.83
CA ILE A 182 -10.21 9.58 -0.44
C ILE A 182 -9.27 10.75 -0.19
N HIS A 183 -8.37 11.05 -1.14
CA HIS A 183 -7.43 12.16 -1.05
C HIS A 183 -8.14 13.53 -0.97
N SER A 184 -9.30 13.66 -1.65
CA SER A 184 -10.12 14.88 -1.69
C SER A 184 -10.74 15.26 -0.31
N ASP A 185 -11.03 14.25 0.54
CA ASP A 185 -11.53 14.39 1.92
C ASP A 185 -11.19 13.15 2.76
N PRO A 186 -9.94 13.10 3.32
CA PRO A 186 -9.53 11.92 4.10
C PRO A 186 -10.30 11.75 5.41
N GLU A 187 -10.56 12.87 6.14
CA GLU A 187 -11.31 12.92 7.40
C GLU A 187 -12.71 12.29 7.26
N ALA A 188 -13.41 12.62 6.15
CA ALA A 188 -14.73 12.11 5.84
C ALA A 188 -14.67 10.61 5.57
N ALA A 189 -13.68 10.16 4.76
CA ALA A 189 -13.48 8.76 4.43
C ALA A 189 -13.21 7.91 5.67
N ASP A 190 -12.39 8.43 6.61
CA ASP A 190 -12.08 7.74 7.87
C ASP A 190 -13.32 7.65 8.77
N MET A 191 -14.15 8.71 8.79
CA MET A 191 -15.39 8.76 9.57
C MET A 191 -16.43 7.76 9.04
N VAL A 192 -16.52 7.60 7.71
CA VAL A 192 -17.45 6.67 7.06
C VAL A 192 -16.99 5.22 7.28
N PHE A 193 -15.72 4.91 7.00
CA PHE A 193 -15.16 3.55 7.17
C PHE A 193 -15.19 3.03 8.61
N THR A 194 -15.24 3.94 9.58
CA THR A 194 -15.25 3.68 11.03
C THR A 194 -16.67 3.75 11.66
N SER A 195 -17.67 4.26 10.90
CA SER A 195 -19.07 4.46 11.31
C SER A 195 -19.84 3.22 11.80
N GLY A 196 -19.44 2.04 11.35
CA GLY A 196 -20.09 0.78 11.70
C GLY A 196 -21.28 0.46 10.82
N ALA A 197 -21.43 1.19 9.69
CA ALA A 197 -22.50 0.95 8.71
C ALA A 197 -22.07 -0.18 7.78
N ASP A 198 -23.03 -0.76 7.05
CA ASP A 198 -22.74 -1.86 6.11
C ASP A 198 -22.11 -1.27 4.84
N ILE A 199 -20.77 -1.15 4.85
CA ILE A 199 -19.97 -0.56 3.78
C ILE A 199 -19.28 -1.57 2.87
N TYR A 200 -19.31 -1.30 1.55
CA TYR A 200 -18.65 -2.08 0.52
C TYR A 200 -17.72 -1.15 -0.24
N VAL A 201 -16.40 -1.36 -0.13
CA VAL A 201 -15.40 -0.50 -0.78
C VAL A 201 -14.84 -1.12 -2.05
N VAL A 202 -14.88 -0.35 -3.13
CA VAL A 202 -14.41 -0.71 -4.46
C VAL A 202 -13.23 0.21 -4.79
N GLY A 203 -12.03 -0.31 -4.61
CA GLY A 203 -10.79 0.44 -4.82
C GLY A 203 -10.15 0.27 -6.18
N LEU A 204 -9.03 1.00 -6.40
CA LEU A 204 -8.26 0.98 -7.63
C LEU A 204 -7.67 -0.40 -7.92
N ASN A 205 -7.43 -1.20 -6.86
CA ASN A 205 -6.94 -2.58 -6.94
C ASN A 205 -7.83 -3.45 -7.83
N ILE A 206 -9.15 -3.17 -7.83
CA ILE A 206 -10.07 -3.90 -8.66
C ILE A 206 -10.51 -3.13 -9.93
N THR A 207 -10.66 -1.78 -9.84
CA THR A 207 -11.10 -0.97 -10.99
C THR A 207 -10.06 -0.90 -12.10
N THR A 208 -8.76 -1.01 -11.78
CA THR A 208 -7.67 -1.00 -12.76
C THR A 208 -7.50 -2.36 -13.47
N GLN A 209 -8.31 -3.36 -13.08
CA GLN A 209 -8.33 -4.70 -13.67
C GLN A 209 -9.33 -4.73 -14.82
N VAL A 210 -10.42 -3.93 -14.70
CA VAL A 210 -11.51 -3.82 -15.66
C VAL A 210 -11.16 -2.76 -16.73
N SER A 211 -10.57 -3.24 -17.85
CA SER A 211 -10.12 -2.40 -18.97
C SER A 211 -11.13 -2.32 -20.08
N PHE A 212 -11.18 -1.14 -20.75
CA PHE A 212 -12.06 -0.88 -21.89
C PHE A 212 -11.19 -0.36 -23.05
N THR A 213 -10.96 -1.23 -24.05
CA THR A 213 -10.15 -0.94 -25.25
C THR A 213 -10.92 -0.08 -26.26
N ASP A 214 -10.31 0.17 -27.43
CA ASP A 214 -10.95 0.93 -28.52
C ASP A 214 -12.08 0.09 -29.12
N LYS A 215 -11.90 -1.25 -29.14
CA LYS A 215 -12.87 -2.22 -29.66
C LYS A 215 -14.25 -2.11 -29.02
N ASP A 216 -14.33 -2.15 -27.67
CA ASP A 216 -15.60 -2.03 -26.92
C ASP A 216 -16.21 -0.64 -27.06
N LEU A 217 -15.37 0.42 -27.02
CA LEU A 217 -15.79 1.83 -27.16
C LEU A 217 -16.37 2.10 -28.55
N LEU A 218 -15.80 1.47 -29.58
CA LEU A 218 -16.25 1.60 -30.96
C LEU A 218 -17.46 0.69 -31.25
N GLU A 219 -17.55 -0.45 -30.51
CA GLU A 219 -18.67 -1.41 -30.57
C GLU A 219 -19.94 -0.70 -30.06
N LEU A 220 -19.75 0.18 -29.06
CA LEU A 220 -20.76 1.01 -28.41
C LEU A 220 -21.33 2.05 -29.36
N ARG A 221 -20.49 2.55 -30.29
CA ARG A 221 -20.88 3.56 -31.29
C ARG A 221 -21.83 2.98 -32.35
N ASN A 222 -21.54 1.77 -32.87
CA ASN A 222 -22.36 1.11 -33.89
C ASN A 222 -23.71 0.55 -33.39
N SER A 223 -23.90 0.54 -32.05
CA SER A 223 -25.11 0.06 -31.40
C SER A 223 -26.22 1.12 -31.33
N GLN A 224 -27.46 0.67 -31.09
CA GLN A 224 -28.63 1.54 -30.95
C GLN A 224 -28.92 1.80 -29.47
N GLY A 225 -27.87 2.16 -28.72
CA GLY A 225 -27.96 2.48 -27.31
C GLY A 225 -28.55 3.85 -27.09
N LYS A 226 -29.48 3.96 -26.12
CA LYS A 226 -30.21 5.19 -25.77
C LYS A 226 -29.32 6.43 -25.61
N TYR A 227 -28.16 6.29 -24.93
CA TYR A 227 -27.22 7.39 -24.72
C TYR A 227 -25.81 7.06 -25.22
N ALA A 228 -25.69 6.07 -26.13
CA ALA A 228 -24.45 5.57 -26.72
C ALA A 228 -23.56 6.67 -27.34
N GLN A 229 -24.14 7.48 -28.25
CA GLN A 229 -23.45 8.58 -28.93
C GLN A 229 -22.82 9.61 -27.98
N PHE A 230 -23.55 9.97 -26.89
CA PHE A 230 -23.09 10.92 -25.87
C PHE A 230 -21.97 10.32 -25.03
N LEU A 231 -22.13 9.06 -24.61
CA LEU A 231 -21.15 8.36 -23.77
C LEU A 231 -19.84 8.11 -24.48
N CYS A 232 -19.87 7.95 -25.81
CA CYS A 232 -18.67 7.77 -26.63
C CYS A 232 -17.97 9.12 -26.82
N ASP A 233 -18.77 10.21 -26.89
CA ASP A 233 -18.32 11.59 -27.05
C ASP A 233 -17.62 12.07 -25.77
N VAL A 234 -18.20 11.74 -24.60
CA VAL A 234 -17.66 12.10 -23.30
C VAL A 234 -16.40 11.29 -22.94
N CYS A 235 -16.36 9.99 -23.34
CA CYS A 235 -15.24 9.07 -23.10
C CYS A 235 -14.03 9.36 -24.00
N LYS A 236 -14.24 10.13 -25.09
CA LYS A 236 -13.21 10.52 -26.05
C LYS A 236 -12.12 11.36 -25.37
N PHE A 237 -12.54 12.34 -24.52
CA PHE A 237 -11.61 13.20 -23.77
C PHE A 237 -10.82 12.37 -22.76
N TYR A 238 -11.54 11.45 -22.05
CA TYR A 238 -11.03 10.53 -21.04
C TYR A 238 -10.00 9.55 -21.62
N LEU A 239 -10.19 9.15 -22.90
CA LEU A 239 -9.28 8.26 -23.63
C LEU A 239 -7.96 8.98 -23.94
N ASP A 240 -8.05 10.25 -24.42
CA ASP A 240 -6.91 11.10 -24.76
C ASP A 240 -6.00 11.35 -23.56
N TRP A 241 -6.58 11.52 -22.35
CA TRP A 241 -5.81 11.71 -21.13
C TRP A 241 -5.07 10.43 -20.72
N HIS A 242 -5.75 9.28 -20.80
CA HIS A 242 -5.25 7.94 -20.46
C HIS A 242 -4.08 7.53 -21.33
N THR A 243 -4.13 7.90 -22.64
CA THR A 243 -3.09 7.59 -23.61
C THR A 243 -1.88 8.52 -23.38
N GLU A 244 -2.13 9.76 -22.93
CA GLU A 244 -1.07 10.74 -22.66
C GLU A 244 -0.33 10.40 -21.35
N SER A 245 -1.09 10.09 -20.28
CA SER A 245 -0.55 9.78 -18.94
C SER A 245 0.10 8.40 -18.81
N TYR A 246 -0.46 7.35 -19.44
CA TYR A 246 0.05 5.99 -19.34
C TYR A 246 0.77 5.45 -20.57
N GLY A 247 0.35 5.86 -21.76
CA GLY A 247 0.91 5.39 -23.02
C GLY A 247 0.23 4.12 -23.52
N ALA A 248 -1.02 3.91 -23.07
CA ALA A 248 -1.85 2.74 -23.40
C ALA A 248 -3.22 3.18 -23.96
N PRO A 249 -3.77 2.49 -24.99
CA PRO A 249 -5.08 2.90 -25.53
C PRO A 249 -6.29 2.30 -24.78
N VAL A 250 -6.12 2.00 -23.48
CA VAL A 250 -7.15 1.43 -22.60
C VAL A 250 -7.65 2.45 -21.58
N ILE A 251 -8.93 2.35 -21.19
CA ILE A 251 -9.54 3.22 -20.18
C ILE A 251 -10.22 2.42 -19.08
N PHE A 252 -10.10 2.92 -17.85
CA PHE A 252 -10.72 2.30 -16.69
C PHE A 252 -11.95 3.11 -16.31
N LEU A 253 -13.12 2.47 -16.38
CA LEU A 253 -14.38 3.12 -16.02
C LEU A 253 -14.66 2.76 -14.56
N HIS A 254 -14.08 3.54 -13.63
CA HIS A 254 -14.15 3.37 -12.19
C HIS A 254 -15.58 3.30 -11.64
N ASP A 255 -16.37 4.39 -11.80
CA ASP A 255 -17.76 4.51 -11.34
C ASP A 255 -18.68 3.39 -11.84
N PRO A 256 -18.71 3.04 -13.16
CA PRO A 256 -19.56 1.91 -13.60
C PRO A 256 -19.25 0.57 -12.91
N VAL A 257 -17.98 0.31 -12.55
CA VAL A 257 -17.56 -0.91 -11.84
C VAL A 257 -18.17 -0.90 -10.42
N SER A 258 -18.16 0.28 -9.77
CA SER A 258 -18.75 0.51 -8.45
C SER A 258 -20.26 0.24 -8.47
N PHE A 259 -20.93 0.65 -9.58
CA PHE A 259 -22.37 0.41 -9.78
C PHE A 259 -22.65 -1.10 -9.93
N ALA A 260 -21.77 -1.80 -10.67
CA ALA A 260 -21.85 -3.25 -10.87
C ALA A 260 -21.70 -4.00 -9.54
N ALA A 261 -20.94 -3.44 -8.57
CA ALA A 261 -20.75 -4.04 -7.24
C ALA A 261 -22.00 -3.89 -6.38
N LEU A 262 -22.80 -2.84 -6.64
CA LEU A 262 -24.05 -2.54 -5.94
C LEU A 262 -25.19 -3.44 -6.44
N VAL A 263 -25.40 -3.52 -7.76
CA VAL A 263 -26.48 -4.29 -8.38
C VAL A 263 -26.15 -5.75 -8.69
N ARG A 264 -24.86 -6.05 -8.96
CA ARG A 264 -24.42 -7.42 -9.26
C ARG A 264 -23.19 -7.80 -8.38
N PRO A 265 -23.33 -7.91 -7.03
CA PRO A 265 -22.15 -8.26 -6.20
C PRO A 265 -21.55 -9.64 -6.43
N GLU A 266 -22.30 -10.56 -7.12
CA GLU A 266 -21.87 -11.92 -7.46
C GLU A 266 -20.62 -11.94 -8.34
N LEU A 267 -20.41 -10.88 -9.15
CA LEU A 267 -19.26 -10.72 -10.06
C LEU A 267 -17.99 -10.32 -9.31
N PHE A 268 -18.10 -10.13 -7.98
CA PHE A 268 -17.00 -9.73 -7.10
C PHE A 268 -16.86 -10.65 -5.90
N THR A 269 -15.67 -10.61 -5.29
CA THR A 269 -15.31 -11.31 -4.06
C THR A 269 -14.93 -10.21 -3.07
N PHE A 270 -15.42 -10.33 -1.83
CA PHE A 270 -15.16 -9.34 -0.79
C PHE A 270 -14.38 -9.90 0.38
N LYS A 271 -13.56 -9.06 1.01
CA LYS A 271 -12.75 -9.42 2.17
C LYS A 271 -13.10 -8.49 3.33
N LYS A 272 -13.39 -9.06 4.50
CA LYS A 272 -13.71 -8.34 5.72
C LYS A 272 -12.44 -7.79 6.34
N GLY A 273 -12.53 -6.58 6.88
CA GLY A 273 -11.39 -5.93 7.52
C GLY A 273 -11.62 -4.50 7.93
N VAL A 274 -10.86 -4.05 8.94
CA VAL A 274 -10.93 -2.69 9.46
C VAL A 274 -10.07 -1.82 8.55
N VAL A 275 -10.67 -0.76 7.99
CA VAL A 275 -9.98 0.18 7.10
C VAL A 275 -9.83 1.53 7.81
N ARG A 276 -8.59 2.05 7.82
CA ARG A 276 -8.25 3.34 8.39
C ARG A 276 -7.67 4.23 7.29
N VAL A 277 -7.88 5.55 7.40
CA VAL A 277 -7.39 6.50 6.42
C VAL A 277 -6.35 7.43 7.04
N GLU A 278 -5.21 7.61 6.34
CA GLU A 278 -4.15 8.52 6.78
C GLU A 278 -4.62 9.94 6.45
N THR A 279 -4.69 10.81 7.46
CA THR A 279 -5.16 12.20 7.32
C THR A 279 -4.01 13.20 7.37
N GLN A 280 -2.84 12.74 7.83
CA GLN A 280 -1.63 13.57 8.00
C GLN A 280 -0.49 13.12 7.08
N GLY A 281 0.55 13.95 7.02
CA GLY A 281 1.77 13.69 6.27
C GLY A 281 1.68 13.53 4.78
N ILE A 282 2.75 13.00 4.20
CA ILE A 282 2.95 12.76 2.77
C ILE A 282 1.99 11.71 2.19
N CYS A 283 1.62 10.70 2.99
CA CYS A 283 0.70 9.64 2.57
C CYS A 283 -0.77 9.93 2.92
N VAL A 284 -1.13 11.21 2.99
CA VAL A 284 -2.50 11.68 3.23
C VAL A 284 -3.44 11.06 2.16
N GLY A 285 -4.50 10.42 2.63
CA GLY A 285 -5.49 9.78 1.77
C GLY A 285 -5.31 8.29 1.58
N HIS A 286 -4.21 7.72 2.11
CA HIS A 286 -3.92 6.29 2.01
C HIS A 286 -4.92 5.47 2.84
N THR A 287 -5.42 4.37 2.25
CA THR A 287 -6.35 3.45 2.90
C THR A 287 -5.60 2.19 3.30
N SER A 288 -5.48 1.95 4.61
CA SER A 288 -4.81 0.79 5.17
C SER A 288 -5.86 -0.16 5.76
N MET A 289 -5.85 -1.41 5.27
CA MET A 289 -6.79 -2.44 5.68
C MET A 289 -6.12 -3.51 6.56
N ASP A 290 -6.69 -3.74 7.75
CA ASP A 290 -6.22 -4.79 8.66
C ASP A 290 -6.85 -6.08 8.14
N MET A 291 -6.01 -6.98 7.64
CA MET A 291 -6.42 -8.25 7.06
C MET A 291 -6.99 -9.27 8.05
N LEU A 292 -6.85 -9.00 9.37
CA LEU A 292 -7.37 -9.78 10.50
C LEU A 292 -6.78 -11.20 10.67
N LEU A 293 -5.94 -11.65 9.73
CA LEU A 293 -5.30 -12.98 9.76
C LEU A 293 -4.27 -13.12 10.88
N LYS A 294 -3.77 -11.98 11.39
CA LYS A 294 -2.75 -11.91 12.44
C LYS A 294 -3.29 -11.20 13.68
N LYS A 295 -3.09 -11.81 14.86
CA LYS A 295 -3.45 -11.23 16.16
C LYS A 295 -2.28 -10.30 16.53
N TRP A 296 -2.57 -9.00 16.71
CA TRP A 296 -1.55 -8.01 17.06
C TRP A 296 -1.13 -8.10 18.52
N ASN A 297 0.18 -7.97 18.78
CA ASN A 297 0.78 -8.02 20.12
C ASN A 297 0.36 -6.86 21.03
N SER A 298 -0.10 -5.75 20.43
CA SER A 298 -0.57 -4.56 21.13
C SER A 298 -1.79 -3.97 20.42
N GLU A 299 -2.60 -3.20 21.14
CA GLU A 299 -3.75 -2.50 20.57
C GLU A 299 -3.26 -1.34 19.70
N ASN A 300 -3.78 -1.29 18.46
CA ASN A 300 -3.41 -0.30 17.45
C ASN A 300 -4.64 0.44 16.88
N PRO A 301 -4.50 1.49 16.02
CA PRO A 301 -5.69 2.17 15.48
C PRO A 301 -6.70 1.34 14.65
N TRP A 302 -6.42 0.04 14.42
CA TRP A 302 -7.31 -0.87 13.67
C TRP A 302 -8.07 -1.85 14.58
N THR A 303 -7.73 -1.91 15.89
CA THR A 303 -8.33 -2.84 16.84
C THR A 303 -9.64 -2.30 17.42
N GLY A 304 -10.64 -3.13 17.59
CA GLY A 304 -11.90 -2.68 18.17
C GLY A 304 -12.95 -2.19 17.20
N TYR A 305 -12.58 -1.41 16.17
CA TYR A 305 -13.54 -0.95 15.15
C TYR A 305 -14.19 -2.14 14.42
N SER A 306 -15.42 -1.97 13.92
CA SER A 306 -16.12 -3.02 13.19
C SER A 306 -15.61 -3.11 11.74
N PRO A 307 -15.40 -4.33 11.20
CA PRO A 307 -14.87 -4.45 9.84
C PRO A 307 -15.87 -4.11 8.72
N ILE A 308 -15.33 -3.70 7.57
CA ILE A 308 -16.10 -3.37 6.36
C ILE A 308 -15.67 -4.33 5.23
N SER A 309 -16.50 -4.50 4.20
CA SER A 309 -16.21 -5.40 3.08
C SER A 309 -15.44 -4.65 1.99
N VAL A 310 -14.28 -5.20 1.61
CA VAL A 310 -13.42 -4.62 0.58
C VAL A 310 -13.42 -5.55 -0.64
N ALA A 311 -13.73 -5.01 -1.85
CA ALA A 311 -13.72 -5.77 -3.09
C ALA A 311 -12.30 -6.32 -3.31
N TRP A 312 -12.18 -7.64 -3.39
CA TRP A 312 -10.90 -8.35 -3.49
C TRP A 312 -10.64 -8.93 -4.87
N THR A 313 -11.64 -9.57 -5.44
CA THR A 313 -11.56 -10.20 -6.76
C THR A 313 -12.73 -9.71 -7.60
N VAL A 314 -12.50 -9.60 -8.91
CA VAL A 314 -13.50 -9.14 -9.88
C VAL A 314 -13.48 -10.03 -11.13
N ASP A 315 -14.65 -10.49 -11.57
CA ASP A 315 -14.78 -11.27 -12.79
C ASP A 315 -14.81 -10.23 -13.92
N VAL A 316 -13.60 -9.83 -14.38
CA VAL A 316 -13.36 -8.83 -15.42
C VAL A 316 -14.22 -9.03 -16.69
N PRO A 317 -14.23 -10.23 -17.36
CA PRO A 317 -15.06 -10.38 -18.57
C PRO A 317 -16.57 -10.22 -18.34
N LYS A 318 -17.07 -10.60 -17.16
CA LYS A 318 -18.50 -10.50 -16.84
C LYS A 318 -18.93 -9.07 -16.56
N VAL A 319 -18.06 -8.28 -15.88
CA VAL A 319 -18.31 -6.87 -15.55
C VAL A 319 -18.32 -6.01 -16.84
N VAL A 320 -17.32 -6.22 -17.75
CA VAL A 320 -17.23 -5.51 -19.05
C VAL A 320 -18.50 -5.77 -19.87
N ALA A 321 -18.95 -7.04 -19.94
CA ALA A 321 -20.15 -7.46 -20.67
C ALA A 321 -21.42 -6.89 -20.03
N PHE A 322 -21.43 -6.71 -18.70
CA PHE A 322 -22.55 -6.14 -17.96
C PHE A 322 -22.68 -4.64 -18.29
N VAL A 323 -21.57 -3.89 -18.24
CA VAL A 323 -21.52 -2.47 -18.55
C VAL A 323 -21.97 -2.27 -19.99
N LYS A 324 -21.46 -3.10 -20.94
CA LYS A 324 -21.82 -3.07 -22.35
C LYS A 324 -23.30 -3.33 -22.59
N GLU A 325 -23.90 -4.31 -21.88
CA GLU A 325 -25.32 -4.62 -22.03
C GLU A 325 -26.24 -3.47 -21.57
N LEU A 326 -25.82 -2.70 -20.54
CA LEU A 326 -26.58 -1.57 -20.03
C LEU A 326 -26.46 -0.33 -20.92
N VAL A 327 -25.24 -0.08 -21.44
CA VAL A 327 -24.99 1.07 -22.31
C VAL A 327 -25.59 0.90 -23.72
N THR A 328 -25.51 -0.32 -24.30
CA THR A 328 -26.06 -0.62 -25.63
C THR A 328 -27.59 -0.79 -25.63
N LYS A 329 -28.22 -0.85 -24.43
CA LYS A 329 -29.66 -1.01 -24.23
C LYS A 329 -30.45 0.14 -24.91
N PRO A 330 -31.45 -0.19 -25.78
CA PRO A 330 -32.20 0.89 -26.44
C PRO A 330 -33.18 1.64 -25.52
N PRO B 14 38.30 -11.21 -7.04
CA PRO B 14 36.91 -11.70 -7.12
C PRO B 14 36.14 -11.53 -5.81
N ASN B 15 36.87 -11.37 -4.70
CA ASN B 15 36.40 -11.19 -3.33
C ASN B 15 35.49 -9.95 -3.19
N SER B 16 34.27 -10.13 -2.63
CA SER B 16 33.30 -9.06 -2.43
C SER B 16 33.24 -8.59 -0.96
N LYS B 17 33.62 -7.32 -0.73
CA LYS B 17 33.67 -6.69 0.61
C LYS B 17 32.29 -6.23 1.07
N ILE B 18 31.79 -6.81 2.19
CA ILE B 18 30.47 -6.45 2.72
C ILE B 18 30.47 -6.12 4.22
N ILE B 19 29.53 -5.25 4.64
CA ILE B 19 29.28 -4.88 6.03
C ILE B 19 27.83 -5.24 6.31
N ILE B 20 27.59 -5.99 7.39
CA ILE B 20 26.25 -6.39 7.79
C ILE B 20 25.75 -5.55 8.96
N ASP B 21 24.71 -4.72 8.69
CA ASP B 21 24.03 -3.91 9.70
C ASP B 21 22.88 -4.80 10.16
N THR B 22 22.93 -5.27 11.41
CA THR B 22 21.99 -6.28 11.89
C THR B 22 21.55 -6.19 13.34
N ASP B 23 20.39 -6.81 13.64
CA ASP B 23 19.77 -6.95 14.96
C ASP B 23 19.57 -8.46 15.25
N PRO B 24 20.63 -9.29 15.37
CA PRO B 24 20.40 -10.74 15.57
C PRO B 24 19.74 -11.13 16.89
N GLY B 25 18.55 -11.74 16.84
CA GLY B 25 17.80 -12.08 15.63
C GLY B 25 18.08 -13.47 15.12
N ILE B 26 17.03 -14.32 15.05
CA ILE B 26 17.07 -15.70 14.60
C ILE B 26 17.38 -15.78 13.09
N ASP B 27 16.57 -15.10 12.25
CA ASP B 27 16.75 -15.04 10.80
C ASP B 27 18.02 -14.28 10.40
N ASP B 28 18.45 -13.29 11.20
CA ASP B 28 19.67 -12.51 11.00
C ASP B 28 20.88 -13.44 11.16
N SER B 29 20.85 -14.31 12.20
CA SER B 29 21.90 -15.31 12.50
C SER B 29 22.12 -16.28 11.35
N VAL B 30 21.03 -16.72 10.67
CA VAL B 30 21.09 -17.61 9.51
C VAL B 30 21.84 -16.91 8.37
N ALA B 31 21.47 -15.64 8.09
CA ALA B 31 22.07 -14.80 7.05
C ALA B 31 23.54 -14.48 7.31
N ILE B 32 23.92 -14.21 8.59
CA ILE B 32 25.31 -13.92 8.99
C ILE B 32 26.19 -15.16 8.74
N LEU B 33 25.70 -16.34 9.16
CA LEU B 33 26.39 -17.61 8.99
C LEU B 33 26.52 -18.00 7.52
N MET B 34 25.50 -17.64 6.70
CA MET B 34 25.47 -17.85 5.25
C MET B 34 26.55 -17.00 4.58
N ALA B 35 26.72 -15.74 5.06
CA ALA B 35 27.73 -14.79 4.58
C ALA B 35 29.14 -15.29 4.88
N PHE B 36 29.34 -15.88 6.08
CA PHE B 36 30.61 -16.47 6.51
C PHE B 36 30.94 -17.75 5.72
N GLN B 37 29.91 -18.42 5.16
CA GLN B 37 30.02 -19.65 4.36
C GLN B 37 30.09 -19.35 2.85
N MET B 38 29.71 -18.10 2.45
CA MET B 38 29.73 -17.66 1.04
C MET B 38 31.19 -17.55 0.55
N PRO B 39 31.55 -18.23 -0.57
CA PRO B 39 32.95 -18.25 -1.02
C PRO B 39 33.65 -16.93 -1.33
N GLY B 40 33.12 -16.15 -2.25
CA GLY B 40 33.72 -14.87 -2.64
C GLY B 40 33.20 -13.68 -1.87
N VAL B 41 33.02 -13.85 -0.55
CA VAL B 41 32.49 -12.81 0.34
C VAL B 41 33.37 -12.61 1.56
N GLN B 42 33.73 -11.34 1.83
CA GLN B 42 34.51 -10.93 2.99
C GLN B 42 33.63 -10.04 3.85
N VAL B 43 33.39 -10.46 5.09
CA VAL B 43 32.59 -9.68 6.02
C VAL B 43 33.57 -8.76 6.75
N LEU B 44 33.57 -7.48 6.36
CA LEU B 44 34.41 -6.43 6.91
C LEU B 44 34.09 -6.16 8.37
N GLY B 45 32.84 -6.40 8.77
CA GLY B 45 32.39 -6.23 10.14
C GLY B 45 30.90 -6.35 10.30
N LEU B 46 30.45 -6.52 11.56
CA LEU B 46 29.03 -6.60 11.93
C LEU B 46 28.66 -5.34 12.69
N THR B 47 27.69 -4.61 12.15
CA THR B 47 27.15 -3.35 12.69
C THR B 47 25.85 -3.69 13.44
N THR B 48 25.79 -3.41 14.75
CA THR B 48 24.61 -3.77 15.54
C THR B 48 23.59 -2.66 15.73
N ILE B 49 22.31 -3.06 15.81
CA ILE B 49 21.16 -2.17 15.98
C ILE B 49 20.02 -2.89 16.75
N PHE B 50 19.06 -2.12 17.29
CA PHE B 50 17.87 -2.62 17.99
C PHE B 50 16.89 -3.20 16.92
N GLY B 51 15.75 -3.73 17.35
CA GLY B 51 14.74 -4.28 16.45
C GLY B 51 14.15 -5.57 16.96
N ASN B 52 14.80 -6.71 16.63
CA ASN B 52 14.40 -8.06 17.08
C ASN B 52 14.69 -8.19 18.57
N CYS B 53 15.70 -7.45 19.04
CA CYS B 53 16.16 -7.40 20.42
C CYS B 53 16.75 -6.00 20.65
N THR B 54 17.23 -5.73 21.88
CA THR B 54 17.88 -4.45 22.23
C THR B 54 19.25 -4.41 21.53
N THR B 55 19.86 -3.21 21.43
CA THR B 55 21.18 -3.04 20.82
C THR B 55 22.23 -3.84 21.60
N GLU B 56 22.10 -3.86 22.95
CA GLU B 56 22.98 -4.60 23.87
C GLU B 56 22.99 -6.09 23.52
N HIS B 57 21.79 -6.70 23.39
CA HIS B 57 21.61 -8.11 23.07
C HIS B 57 22.11 -8.44 21.67
N ALA B 58 21.80 -7.58 20.68
CA ALA B 58 22.22 -7.71 19.29
C ALA B 58 23.74 -7.78 19.18
N THR B 59 24.46 -6.95 19.97
CA THR B 59 25.92 -6.89 20.03
C THR B 59 26.47 -8.21 20.59
N ARG B 60 25.89 -8.71 21.70
CA ARG B 60 26.27 -9.96 22.35
C ARG B 60 26.13 -11.14 21.39
N ASN B 61 24.96 -11.23 20.73
CA ASN B 61 24.61 -12.28 19.77
C ASN B 61 25.54 -12.28 18.57
N ALA B 62 25.93 -11.08 18.09
CA ALA B 62 26.86 -10.91 16.97
C ALA B 62 28.24 -11.44 17.34
N LEU B 63 28.69 -11.16 18.58
CA LEU B 63 29.97 -11.63 19.10
C LEU B 63 29.97 -13.16 19.23
N ILE B 64 28.83 -13.73 19.71
CA ILE B 64 28.64 -15.18 19.84
C ILE B 64 28.78 -15.86 18.46
N LEU B 65 28.13 -15.28 17.41
CA LEU B 65 28.17 -15.79 16.05
C LEU B 65 29.59 -15.82 15.47
N CYS B 66 30.37 -14.76 15.72
CA CYS B 66 31.77 -14.66 15.27
C CYS B 66 32.62 -15.77 15.90
N GLU B 67 32.38 -16.06 17.20
CA GLU B 67 33.06 -17.10 17.96
C GLU B 67 32.71 -18.49 17.42
N LYS B 68 31.41 -18.76 17.20
CA LYS B 68 30.91 -20.04 16.70
C LYS B 68 31.41 -20.34 15.29
N ALA B 69 31.48 -19.31 14.43
CA ALA B 69 31.92 -19.45 13.05
C ALA B 69 33.44 -19.41 12.86
N SER B 70 34.20 -19.23 13.97
CA SER B 70 35.66 -19.12 14.01
C SER B 70 36.14 -17.90 13.20
N HIS B 71 35.32 -16.82 13.24
CA HIS B 71 35.55 -15.55 12.56
C HIS B 71 35.79 -14.45 13.60
N LEU B 72 36.76 -14.69 14.49
CA LEU B 72 37.15 -13.78 15.57
C LEU B 72 37.85 -12.52 15.03
N GLU B 73 38.32 -12.58 13.76
CA GLU B 73 38.95 -11.46 13.06
C GLU B 73 37.88 -10.44 12.60
N VAL B 74 36.60 -10.88 12.51
CA VAL B 74 35.50 -10.02 12.10
C VAL B 74 35.11 -9.09 13.27
N PRO B 75 35.36 -7.76 13.14
CA PRO B 75 35.01 -6.85 14.24
C PRO B 75 33.51 -6.58 14.36
N VAL B 76 33.05 -6.32 15.60
CA VAL B 76 31.66 -6.01 15.89
C VAL B 76 31.58 -4.59 16.45
N ALA B 77 30.88 -3.70 15.72
CA ALA B 77 30.71 -2.31 16.12
C ALA B 77 29.27 -2.05 16.56
N GLU B 78 29.10 -1.60 17.81
CA GLU B 78 27.79 -1.32 18.40
C GLU B 78 27.26 0.01 17.89
N GLY B 79 26.00 0.00 17.48
CA GLY B 79 25.31 1.18 16.98
C GLY B 79 24.34 1.80 17.97
N SER B 80 23.38 2.56 17.43
CA SER B 80 22.36 3.29 18.17
C SER B 80 21.45 2.39 19.02
N HIS B 81 21.12 2.86 20.22
CA HIS B 81 20.27 2.14 21.19
C HIS B 81 18.79 2.54 21.03
N GLU B 82 18.54 3.63 20.29
CA GLU B 82 17.20 4.17 20.03
C GLU B 82 17.08 4.80 18.64
N PRO B 83 15.85 4.96 18.06
CA PRO B 83 15.73 5.57 16.73
C PRO B 83 16.11 7.06 16.68
N LEU B 84 16.18 7.64 15.46
CA LEU B 84 16.52 9.05 15.23
C LEU B 84 15.70 10.03 16.06
N LYS B 85 14.37 9.79 16.18
CA LYS B 85 13.45 10.61 16.96
C LYS B 85 13.64 10.47 18.49
N GLY B 86 14.31 9.38 18.90
CA GLY B 86 14.56 9.09 20.31
C GLY B 86 13.53 8.16 20.90
N GLY B 87 13.67 7.88 22.19
CA GLY B 87 12.76 7.00 22.92
C GLY B 87 13.11 5.53 22.85
N LYS B 88 12.82 4.79 23.94
CA LYS B 88 13.08 3.36 24.04
C LYS B 88 12.32 2.57 22.95
N PRO B 89 13.02 1.88 22.04
CA PRO B 89 12.32 1.15 20.97
C PRO B 89 11.55 -0.08 21.45
N HIS B 90 10.51 -0.46 20.70
CA HIS B 90 9.68 -1.63 20.98
C HIS B 90 10.34 -2.82 20.28
N VAL B 91 10.97 -3.70 21.08
CA VAL B 91 11.67 -4.87 20.55
C VAL B 91 10.77 -6.10 20.39
N ALA B 92 11.03 -6.89 19.35
CA ALA B 92 10.26 -8.08 19.03
C ALA B 92 10.77 -9.35 19.77
N ASP B 93 10.72 -9.33 21.11
CA ASP B 93 11.15 -10.45 21.95
C ASP B 93 10.17 -11.64 21.95
N PHE B 94 8.92 -11.40 21.50
CA PHE B 94 7.86 -12.39 21.40
C PHE B 94 8.11 -13.35 20.20
N VAL B 95 8.80 -12.85 19.16
CA VAL B 95 9.15 -13.58 17.93
C VAL B 95 10.60 -14.12 17.98
N HIS B 96 11.53 -13.40 18.63
CA HIS B 96 12.94 -13.78 18.68
C HIS B 96 13.51 -14.30 20.00
N GLY B 97 12.73 -14.21 21.08
CA GLY B 97 13.16 -14.67 22.40
C GLY B 97 13.55 -13.50 23.28
N PRO B 98 13.65 -13.69 24.62
CA PRO B 98 14.02 -12.56 25.51
C PRO B 98 15.38 -11.92 25.21
N ASP B 99 16.36 -12.72 24.74
CA ASP B 99 17.71 -12.28 24.40
C ASP B 99 17.88 -12.06 22.88
N GLY B 100 16.85 -12.41 22.11
CA GLY B 100 16.85 -12.29 20.66
C GLY B 100 17.44 -13.48 19.91
N LEU B 101 17.67 -14.60 20.62
CA LEU B 101 18.24 -15.81 20.03
C LEU B 101 17.47 -17.09 20.42
N GLY B 102 16.15 -16.95 20.56
CA GLY B 102 15.23 -18.03 20.93
C GLY B 102 15.44 -18.52 22.34
N ASN B 103 15.44 -19.85 22.50
CA ASN B 103 15.66 -20.52 23.79
C ASN B 103 17.08 -21.08 23.85
N VAL B 104 17.92 -20.74 22.84
CA VAL B 104 19.32 -21.16 22.75
C VAL B 104 20.14 -20.47 23.85
N ASP B 105 20.36 -21.19 24.97
CA ASP B 105 21.10 -20.70 26.12
C ASP B 105 22.60 -20.88 25.92
N LEU B 106 23.27 -19.81 25.45
CA LEU B 106 24.70 -19.81 25.20
C LEU B 106 25.44 -18.93 26.22
N PRO B 107 26.66 -19.34 26.67
CA PRO B 107 27.39 -18.51 27.64
C PRO B 107 27.95 -17.23 27.01
N ASP B 108 28.25 -16.23 27.86
CA ASP B 108 28.80 -14.92 27.48
C ASP B 108 30.02 -15.04 26.55
N PRO B 109 30.09 -14.26 25.45
CA PRO B 109 31.26 -14.37 24.56
C PRO B 109 32.52 -13.81 25.21
N THR B 110 33.67 -14.47 24.98
CA THR B 110 34.97 -14.05 25.53
C THR B 110 35.52 -12.83 24.79
N ILE B 111 35.09 -12.62 23.52
CA ILE B 111 35.49 -11.49 22.68
C ILE B 111 34.64 -10.25 22.99
N LYS B 112 35.20 -9.07 22.71
CA LYS B 112 34.56 -7.78 22.95
C LYS B 112 34.30 -7.00 21.66
N LYS B 113 33.40 -6.00 21.75
CA LYS B 113 33.08 -5.11 20.64
C LYS B 113 34.25 -4.12 20.45
N VAL B 114 34.36 -3.53 19.25
CA VAL B 114 35.38 -2.53 18.96
C VAL B 114 34.99 -1.20 19.62
N GLU B 115 35.96 -0.30 19.85
CA GLU B 115 35.70 0.98 20.51
C GLU B 115 34.86 1.95 19.66
N GLU B 116 35.04 1.93 18.32
CA GLU B 116 34.31 2.79 17.41
C GLU B 116 32.83 2.40 17.26
N SER B 117 31.96 3.40 17.07
CA SER B 117 30.52 3.21 16.88
C SER B 117 30.28 2.60 15.49
N ALA B 118 29.07 2.08 15.26
CA ALA B 118 28.67 1.50 13.98
C ALA B 118 28.74 2.53 12.87
N THR B 119 28.38 3.79 13.17
CA THR B 119 28.41 4.94 12.26
C THR B 119 29.86 5.23 11.83
N ASP B 120 30.77 5.30 12.82
CA ASP B 120 32.20 5.57 12.57
C ASP B 120 32.88 4.43 11.82
N PHE B 121 32.48 3.17 12.09
CA PHE B 121 33.01 1.99 11.42
C PHE B 121 32.58 2.00 9.94
N LEU B 122 31.29 2.29 9.70
CA LEU B 122 30.65 2.38 8.39
C LEU B 122 31.36 3.41 7.51
N VAL B 123 31.51 4.65 8.03
CA VAL B 123 32.14 5.79 7.36
C VAL B 123 33.59 5.51 7.00
N ASP B 124 34.36 4.92 7.95
CA ASP B 124 35.76 4.57 7.80
C ASP B 124 36.03 3.52 6.71
N LYS B 125 35.34 2.36 6.77
CA LYS B 125 35.54 1.26 5.82
C LYS B 125 35.15 1.62 4.39
N VAL B 126 34.07 2.39 4.22
CA VAL B 126 33.56 2.84 2.93
C VAL B 126 34.53 3.86 2.28
N SER B 127 35.07 4.80 3.08
CA SER B 127 36.04 5.81 2.60
C SER B 127 37.40 5.18 2.27
N ARG B 128 37.76 4.09 2.98
CA ARG B 128 39.00 3.33 2.78
C ARG B 128 38.94 2.56 1.46
N PHE B 129 37.80 1.91 1.18
CA PHE B 129 37.59 1.13 -0.05
C PHE B 129 36.44 1.79 -0.86
N PRO B 130 36.69 2.91 -1.58
CA PRO B 130 35.59 3.56 -2.33
C PRO B 130 35.07 2.72 -3.50
N GLY B 131 33.75 2.62 -3.58
CA GLY B 131 33.02 1.86 -4.60
C GLY B 131 33.21 0.35 -4.53
N GLU B 132 33.64 -0.16 -3.37
CA GLU B 132 33.92 -1.57 -3.15
C GLU B 132 33.05 -2.22 -2.08
N VAL B 133 32.59 -1.43 -1.09
CA VAL B 133 31.81 -1.94 0.04
C VAL B 133 30.30 -1.93 -0.18
N SER B 134 29.69 -3.14 -0.11
CA SER B 134 28.25 -3.34 -0.21
C SER B 134 27.72 -3.46 1.22
N VAL B 135 26.68 -2.69 1.56
CA VAL B 135 26.09 -2.71 2.90
C VAL B 135 24.79 -3.51 2.92
N LEU B 136 24.75 -4.56 3.73
CA LEU B 136 23.55 -5.37 3.90
C LEU B 136 22.84 -4.94 5.18
N ALA B 137 21.74 -4.19 5.04
CA ALA B 137 20.93 -3.68 6.14
C ALA B 137 19.83 -4.70 6.48
N LEU B 138 20.04 -5.44 7.59
CA LEU B 138 19.15 -6.47 8.07
C LEU B 138 18.19 -6.04 9.20
N GLY B 139 18.32 -4.80 9.64
CA GLY B 139 17.46 -4.23 10.66
C GLY B 139 17.11 -2.76 10.41
N PRO B 140 16.62 -2.03 11.45
CA PRO B 140 16.33 -0.59 11.28
C PRO B 140 17.53 0.17 10.71
N LEU B 141 17.26 1.15 9.84
CA LEU B 141 18.26 1.92 9.09
C LEU B 141 18.96 3.09 9.83
N THR B 142 18.87 3.13 11.17
CA THR B 142 19.45 4.20 12.01
C THR B 142 20.95 4.47 11.77
N ASN B 143 21.80 3.43 11.82
CA ASN B 143 23.25 3.57 11.63
C ASN B 143 23.62 4.08 10.24
N ILE B 144 22.93 3.57 9.19
CA ILE B 144 23.15 3.97 7.79
C ILE B 144 22.79 5.44 7.58
N ALA B 145 21.66 5.89 8.16
CA ALA B 145 21.21 7.29 8.08
C ALA B 145 22.18 8.23 8.82
N LEU B 146 22.68 7.81 10.00
CA LEU B 146 23.66 8.58 10.78
C LEU B 146 25.00 8.68 10.03
N ALA B 147 25.37 7.61 9.29
CA ALA B 147 26.59 7.55 8.47
C ALA B 147 26.47 8.48 7.26
N ILE B 148 25.26 8.58 6.66
CA ILE B 148 24.96 9.46 5.52
C ILE B 148 25.08 10.92 5.98
N LYS B 149 24.53 11.24 7.17
CA LYS B 149 24.55 12.57 7.77
C LYS B 149 25.94 13.02 8.20
N LYS B 150 26.81 12.08 8.61
CA LYS B 150 28.17 12.37 9.07
C LYS B 150 29.14 12.64 7.90
N ASP B 151 29.08 11.79 6.85
CA ASP B 151 29.95 11.88 5.68
C ASP B 151 29.13 12.13 4.40
N PRO B 152 29.31 13.28 3.70
CA PRO B 152 28.54 13.52 2.47
C PRO B 152 28.98 12.64 1.29
N SER B 153 30.23 12.13 1.34
CA SER B 153 30.80 11.27 0.30
C SER B 153 30.47 9.78 0.49
N PHE B 154 29.79 9.43 1.62
CA PHE B 154 29.38 8.06 1.95
C PHE B 154 28.46 7.48 0.87
N VAL B 155 27.44 8.26 0.47
CA VAL B 155 26.45 7.90 -0.57
C VAL B 155 27.16 7.57 -1.89
N LYS B 156 28.16 8.39 -2.27
CA LYS B 156 28.97 8.25 -3.47
C LYS B 156 29.89 7.03 -3.38
N ASN B 157 30.55 6.85 -2.21
CA ASN B 157 31.51 5.77 -1.99
C ASN B 157 30.96 4.35 -1.76
N VAL B 158 29.70 4.18 -1.29
CA VAL B 158 29.11 2.84 -1.11
C VAL B 158 28.86 2.19 -2.47
N LYS B 159 29.23 0.90 -2.63
CA LYS B 159 29.02 0.16 -3.87
C LYS B 159 27.51 0.00 -4.08
N LYS B 160 26.80 -0.49 -3.04
CA LYS B 160 25.35 -0.69 -2.99
C LYS B 160 24.84 -0.93 -1.58
N ILE B 161 23.58 -0.59 -1.31
CA ILE B 161 22.94 -0.84 -0.03
C ILE B 161 21.77 -1.79 -0.28
N VAL B 162 21.85 -3.00 0.27
CA VAL B 162 20.78 -4.00 0.16
C VAL B 162 19.97 -3.90 1.46
N VAL B 163 18.73 -3.44 1.33
CA VAL B 163 17.84 -3.20 2.47
C VAL B 163 16.77 -4.27 2.58
N LEU B 164 16.63 -4.84 3.79
CA LEU B 164 15.58 -5.77 4.15
C LEU B 164 14.58 -4.91 4.92
N GLY B 165 13.46 -4.63 4.29
CA GLY B 165 12.44 -3.79 4.88
C GLY B 165 11.41 -3.29 3.88
N GLY B 166 10.32 -2.77 4.43
CA GLY B 166 9.20 -2.26 3.67
C GLY B 166 8.21 -3.34 3.29
N ALA B 167 7.06 -2.88 2.81
CA ALA B 167 5.95 -3.69 2.34
C ALA B 167 5.38 -2.88 1.18
N PHE B 168 5.62 -3.37 -0.04
CA PHE B 168 5.20 -2.73 -1.28
C PHE B 168 4.04 -3.49 -1.86
N PHE B 169 2.83 -2.92 -1.71
CA PHE B 169 1.55 -3.48 -2.14
C PHE B 169 1.30 -4.83 -1.46
N ALA B 170 1.60 -4.87 -0.15
CA ALA B 170 1.47 -6.02 0.73
C ALA B 170 1.28 -5.53 2.17
N ALA B 171 0.70 -6.39 3.02
CA ALA B 171 0.46 -6.07 4.43
C ALA B 171 1.78 -6.01 5.21
N GLY B 172 1.83 -5.10 6.18
CA GLY B 172 2.99 -4.97 7.05
C GLY B 172 2.93 -5.97 8.19
N ASN B 173 4.01 -6.08 8.98
CA ASN B 173 4.04 -6.99 10.13
C ASN B 173 4.08 -6.25 11.48
N ALA B 174 4.47 -4.96 11.49
CA ALA B 174 4.46 -4.17 12.72
C ALA B 174 3.04 -3.63 12.91
N THR B 175 2.45 -3.11 11.82
CA THR B 175 1.08 -2.60 11.72
C THR B 175 0.56 -3.09 10.34
N PRO B 176 -0.77 -3.04 10.02
CA PRO B 176 -1.22 -3.45 8.67
C PRO B 176 -0.55 -2.69 7.52
N SER B 177 -0.06 -1.49 7.83
CA SER B 177 0.58 -0.52 6.92
C SER B 177 2.11 -0.60 6.90
N ALA B 178 2.74 -1.01 8.00
CA ALA B 178 4.20 -0.99 8.12
C ALA B 178 4.92 -2.28 8.47
N GLU B 179 6.12 -2.45 7.88
CA GLU B 179 7.05 -3.55 8.14
C GLU B 179 7.92 -3.08 9.31
N ALA B 180 8.26 -4.02 10.23
CA ALA B 180 9.03 -3.81 11.45
C ALA B 180 10.27 -2.91 11.36
N ASN B 181 11.22 -3.22 10.46
CA ASN B 181 12.48 -2.46 10.29
C ASN B 181 12.25 -1.01 9.95
N ILE B 182 11.25 -0.73 9.11
CA ILE B 182 10.91 0.64 8.73
C ILE B 182 10.13 1.32 9.86
N HIS B 183 9.21 0.58 10.49
CA HIS B 183 8.42 1.06 11.62
C HIS B 183 9.29 1.44 12.83
N SER B 184 10.40 0.68 13.06
CA SER B 184 11.36 0.89 14.16
C SER B 184 12.10 2.23 14.07
N ASP B 185 12.32 2.76 12.84
CA ASP B 185 12.93 4.07 12.55
C ASP B 185 12.50 4.59 11.16
N PRO B 186 11.31 5.23 11.07
CA PRO B 186 10.82 5.72 9.76
C PRO B 186 11.66 6.85 9.16
N GLU B 187 12.10 7.82 10.01
CA GLU B 187 12.93 8.98 9.64
C GLU B 187 14.22 8.52 8.96
N ALA B 188 14.87 7.49 9.52
CA ALA B 188 16.11 6.90 8.99
C ALA B 188 15.86 6.26 7.64
N ALA B 189 14.78 5.46 7.52
CA ALA B 189 14.40 4.78 6.28
C ALA B 189 14.12 5.78 5.15
N ASP B 190 13.44 6.90 5.47
CA ASP B 190 13.13 7.96 4.49
C ASP B 190 14.41 8.66 4.04
N MET B 191 15.36 8.88 4.96
CA MET B 191 16.64 9.51 4.69
C MET B 191 17.52 8.63 3.78
N VAL B 192 17.49 7.32 4.00
CA VAL B 192 18.27 6.34 3.21
C VAL B 192 17.68 6.21 1.79
N PHE B 193 16.35 5.97 1.68
CA PHE B 193 15.66 5.82 0.39
C PHE B 193 15.73 7.05 -0.52
N THR B 194 15.94 8.23 0.09
CA THR B 194 16.03 9.54 -0.56
C THR B 194 17.49 10.02 -0.81
N SER B 195 18.48 9.34 -0.19
CA SER B 195 19.91 9.66 -0.25
C SER B 195 20.55 9.73 -1.66
N GLY B 196 19.98 9.01 -2.63
CA GLY B 196 20.53 8.94 -3.98
C GLY B 196 21.61 7.89 -4.14
N ALA B 197 21.76 6.99 -3.14
CA ALA B 197 22.72 5.90 -3.18
C ALA B 197 22.11 4.73 -3.97
N ASP B 198 22.94 3.77 -4.42
CA ASP B 198 22.45 2.61 -5.17
C ASP B 198 21.81 1.60 -4.19
N ILE B 199 20.50 1.77 -3.95
CA ILE B 199 19.72 0.98 -3.00
C ILE B 199 18.86 -0.12 -3.65
N TYR B 200 18.85 -1.30 -3.03
CA TYR B 200 18.03 -2.45 -3.42
C TYR B 200 17.17 -2.82 -2.22
N VAL B 201 15.84 -2.66 -2.34
CA VAL B 201 14.90 -2.94 -1.25
C VAL B 201 14.19 -4.28 -1.42
N VAL B 202 14.25 -5.10 -0.37
CA VAL B 202 13.66 -6.44 -0.30
C VAL B 202 12.58 -6.38 0.79
N GLY B 203 11.33 -6.24 0.35
CA GLY B 203 10.17 -6.12 1.23
C GLY B 203 9.43 -7.40 1.55
N LEU B 204 8.40 -7.29 2.40
CA LEU B 204 7.54 -8.43 2.81
C LEU B 204 6.79 -9.03 1.63
N ASN B 205 6.51 -8.22 0.59
CA ASN B 205 5.86 -8.62 -0.66
C ASN B 205 6.60 -9.80 -1.31
N ILE B 206 7.94 -9.84 -1.16
CA ILE B 206 8.72 -10.93 -1.71
C ILE B 206 9.18 -11.96 -0.66
N THR B 207 9.49 -11.52 0.58
CA THR B 207 9.96 -12.43 1.65
C THR B 207 8.89 -13.41 2.14
N THR B 208 7.59 -13.00 2.07
CA THR B 208 6.47 -13.86 2.46
C THR B 208 6.12 -14.90 1.37
N GLN B 209 6.82 -14.87 0.22
CA GLN B 209 6.65 -15.81 -0.88
C GLN B 209 7.58 -17.01 -0.68
N VAL B 210 8.75 -16.76 -0.06
CA VAL B 210 9.81 -17.75 0.20
C VAL B 210 9.54 -18.47 1.52
N SER B 211 8.85 -19.62 1.43
CA SER B 211 8.44 -20.45 2.56
C SER B 211 9.41 -21.60 2.85
N PHE B 212 9.56 -21.94 4.14
CA PHE B 212 10.38 -23.03 4.62
C PHE B 212 9.54 -23.94 5.51
N THR B 213 9.19 -25.12 4.97
CA THR B 213 8.35 -26.14 5.64
C THR B 213 9.17 -26.95 6.68
N ASP B 214 8.54 -27.95 7.30
CA ASP B 214 9.19 -28.84 8.26
C ASP B 214 10.18 -29.75 7.50
N LYS B 215 9.87 -30.10 6.25
CA LYS B 215 10.68 -30.95 5.37
C LYS B 215 12.09 -30.41 5.15
N ASP B 216 12.24 -29.12 4.76
CA ASP B 216 13.55 -28.48 4.54
C ASP B 216 14.32 -28.32 5.87
N LEU B 217 13.61 -27.95 6.95
CA LEU B 217 14.17 -27.75 8.29
C LEU B 217 14.70 -29.06 8.87
N LEU B 218 14.00 -30.19 8.60
CA LEU B 218 14.40 -31.53 9.04
C LEU B 218 15.48 -32.12 8.12
N GLU B 219 15.49 -31.72 6.83
CA GLU B 219 16.48 -32.10 5.82
C GLU B 219 17.85 -31.53 6.24
N LEU B 220 17.82 -30.32 6.82
CA LEU B 220 18.94 -29.56 7.35
C LEU B 220 19.57 -30.26 8.56
N ARG B 221 18.75 -30.95 9.38
CA ARG B 221 19.20 -31.65 10.58
C ARG B 221 20.03 -32.90 10.23
N ASN B 222 19.57 -33.70 9.23
CA ASN B 222 20.27 -34.94 8.81
C ASN B 222 21.57 -34.69 8.02
N SER B 223 21.82 -33.44 7.61
CA SER B 223 23.01 -33.03 6.85
C SER B 223 24.22 -32.78 7.75
N GLN B 224 25.43 -32.76 7.14
CA GLN B 224 26.69 -32.48 7.83
C GLN B 224 27.10 -31.01 7.62
N GLY B 225 26.14 -30.11 7.87
CA GLY B 225 26.32 -28.67 7.76
C GLY B 225 27.07 -28.15 8.96
N LYS B 226 28.05 -27.25 8.72
CA LYS B 226 28.93 -26.63 9.71
C LYS B 226 28.19 -26.07 10.94
N TYR B 227 27.06 -25.38 10.72
CA TYR B 227 26.26 -24.79 11.80
C TYR B 227 24.79 -25.26 11.75
N ALA B 228 24.53 -26.39 11.07
CA ALA B 228 23.20 -26.99 10.88
C ALA B 228 22.41 -27.21 12.17
N GLN B 229 23.02 -27.91 13.16
CA GLN B 229 22.44 -28.22 14.46
C GLN B 229 21.98 -26.97 15.24
N PHE B 230 22.79 -25.89 15.22
CA PHE B 230 22.49 -24.62 15.88
C PHE B 230 21.36 -23.88 15.19
N LEU B 231 21.40 -23.83 13.85
CA LEU B 231 20.40 -23.15 13.04
C LEU B 231 19.02 -23.78 13.13
N CYS B 232 18.97 -25.12 13.33
CA CYS B 232 17.71 -25.85 13.50
C CYS B 232 17.17 -25.59 14.91
N ASP B 233 18.08 -25.47 15.89
CA ASP B 233 17.79 -25.20 17.31
C ASP B 233 17.21 -23.78 17.48
N VAL B 234 17.81 -22.79 16.78
CA VAL B 234 17.38 -21.40 16.83
C VAL B 234 16.05 -21.17 16.07
N CYS B 235 15.84 -21.90 14.95
CA CYS B 235 14.63 -21.83 14.11
C CYS B 235 13.43 -22.53 14.74
N LYS B 236 13.67 -23.37 15.77
CA LYS B 236 12.65 -24.11 16.51
C LYS B 236 11.71 -23.14 17.24
N PHE B 237 12.28 -22.10 17.90
CA PHE B 237 11.49 -21.08 18.61
C PHE B 237 10.67 -20.26 17.61
N TYR B 238 11.30 -19.88 16.49
CA TYR B 238 10.75 -19.12 15.37
C TYR B 238 9.58 -19.85 14.70
N LEU B 239 9.65 -21.20 14.64
CA LEU B 239 8.60 -22.07 14.09
C LEU B 239 7.37 -22.08 14.99
N ASP B 240 7.59 -22.21 16.31
CA ASP B 240 6.53 -22.22 17.34
C ASP B 240 5.71 -20.93 17.36
N TRP B 241 6.37 -19.77 17.12
CA TRP B 241 5.69 -18.47 17.06
C TRP B 241 4.82 -18.36 15.79
N HIS B 242 5.36 -18.81 14.63
CA HIS B 242 4.73 -18.80 13.29
C HIS B 242 3.92 -17.57 12.91
N ALA B 248 -0.10 -22.05 10.53
CA ALA B 248 0.60 -22.73 9.44
C ALA B 248 1.97 -23.27 9.87
N PRO B 249 2.39 -24.48 9.42
CA PRO B 249 3.71 -25.00 9.83
C PRO B 249 4.88 -24.53 8.95
N VAL B 250 4.74 -23.33 8.34
CA VAL B 250 5.75 -22.72 7.47
C VAL B 250 6.41 -21.50 8.12
N ILE B 251 7.69 -21.25 7.79
CA ILE B 251 8.43 -20.10 8.30
C ILE B 251 9.07 -19.29 7.18
N PHE B 252 9.07 -17.96 7.34
CA PHE B 252 9.67 -17.05 6.38
C PHE B 252 11.00 -16.58 6.91
N LEU B 253 12.09 -16.91 6.21
CA LEU B 253 13.43 -16.48 6.60
C LEU B 253 13.75 -15.21 5.83
N HIS B 254 13.30 -14.07 6.37
CA HIS B 254 13.45 -12.73 5.79
C HIS B 254 14.89 -12.34 5.44
N ASP B 255 15.78 -12.28 6.44
CA ASP B 255 17.20 -11.93 6.29
C ASP B 255 17.96 -12.79 5.27
N PRO B 256 17.89 -14.16 5.30
CA PRO B 256 18.56 -14.95 4.27
C PRO B 256 18.15 -14.63 2.82
N VAL B 257 16.86 -14.24 2.60
CA VAL B 257 16.34 -13.85 1.28
C VAL B 257 17.04 -12.54 0.83
N SER B 258 17.21 -11.60 1.78
CA SER B 258 17.89 -10.32 1.57
C SER B 258 19.35 -10.56 1.17
N PHE B 259 20.01 -11.56 1.80
CA PHE B 259 21.39 -11.95 1.49
C PHE B 259 21.48 -12.52 0.07
N ALA B 260 20.48 -13.35 -0.32
CA ALA B 260 20.38 -13.95 -1.65
C ALA B 260 20.21 -12.86 -2.72
N ALA B 261 19.59 -11.72 -2.38
CA ALA B 261 19.40 -10.58 -3.30
C ALA B 261 20.71 -9.82 -3.54
N LEU B 262 21.61 -9.86 -2.54
CA LEU B 262 22.92 -9.22 -2.57
C LEU B 262 23.93 -10.04 -3.41
N VAL B 263 24.03 -11.35 -3.13
CA VAL B 263 24.98 -12.23 -3.81
C VAL B 263 24.45 -12.92 -5.08
N ARG B 264 23.13 -13.15 -5.17
CA ARG B 264 22.51 -13.78 -6.35
C ARG B 264 21.29 -12.93 -6.82
N PRO B 265 21.49 -11.67 -7.32
CA PRO B 265 20.33 -10.87 -7.76
C PRO B 265 19.55 -11.42 -8.97
N GLU B 266 20.15 -12.39 -9.72
CA GLU B 266 19.53 -13.06 -10.88
C GLU B 266 18.22 -13.80 -10.53
N LEU B 267 18.11 -14.27 -9.27
CA LEU B 267 16.95 -15.00 -8.75
C LEU B 267 15.77 -14.06 -8.44
N PHE B 268 15.98 -12.75 -8.64
CA PHE B 268 14.99 -11.70 -8.39
C PHE B 268 14.81 -10.80 -9.60
N THR B 269 13.67 -10.09 -9.62
CA THR B 269 13.31 -9.08 -10.60
C THR B 269 13.13 -7.80 -9.81
N PHE B 270 13.68 -6.69 -10.32
CA PHE B 270 13.63 -5.40 -9.64
C PHE B 270 12.86 -4.36 -10.44
N LYS B 271 12.19 -3.45 -9.74
CA LYS B 271 11.43 -2.36 -10.35
C LYS B 271 11.97 -1.03 -9.83
N LYS B 272 12.27 -0.11 -10.75
CA LYS B 272 12.77 1.23 -10.43
C LYS B 272 11.62 2.10 -9.96
N GLY B 273 11.89 2.96 -8.98
CA GLY B 273 10.89 3.87 -8.44
C GLY B 273 11.33 4.65 -7.23
N VAL B 274 10.71 5.81 -7.02
CA VAL B 274 10.98 6.67 -5.87
C VAL B 274 10.15 6.15 -4.69
N VAL B 275 10.82 5.85 -3.57
CA VAL B 275 10.18 5.35 -2.37
C VAL B 275 10.22 6.42 -1.27
N ARG B 276 9.06 6.69 -0.66
CA ARG B 276 8.91 7.64 0.44
C ARG B 276 8.35 6.88 1.64
N VAL B 277 8.71 7.33 2.86
CA VAL B 277 8.26 6.71 4.10
C VAL B 277 7.39 7.66 4.90
N GLU B 278 6.25 7.16 5.37
CA GLU B 278 5.34 7.93 6.22
C GLU B 278 5.93 7.96 7.63
N THR B 279 6.19 9.16 8.17
CA THR B 279 6.79 9.34 9.50
C THR B 279 5.77 9.78 10.55
N GLN B 280 4.60 10.23 10.09
CA GLN B 280 3.52 10.75 10.93
C GLN B 280 2.28 9.87 10.87
N GLY B 281 1.34 10.16 11.77
CA GLY B 281 0.04 9.51 11.87
C GLY B 281 -0.01 8.01 12.11
N ILE B 282 -1.19 7.45 11.85
CA ILE B 282 -1.58 6.05 11.98
C ILE B 282 -0.75 5.12 11.07
N CYS B 283 -0.43 5.57 9.84
CA CYS B 283 0.33 4.78 8.87
C CYS B 283 1.84 5.00 8.94
N VAL B 284 2.36 5.37 10.12
CA VAL B 284 3.78 5.58 10.37
C VAL B 284 4.56 4.29 10.01
N GLY B 285 5.58 4.46 9.18
CA GLY B 285 6.42 3.35 8.72
C GLY B 285 6.07 2.78 7.37
N HIS B 286 4.95 3.25 6.76
CA HIS B 286 4.50 2.80 5.44
C HIS B 286 5.46 3.25 4.34
N THR B 287 5.78 2.34 3.41
CA THR B 287 6.65 2.60 2.27
C THR B 287 5.80 2.71 1.01
N SER B 288 5.74 3.92 0.44
CA SER B 288 4.98 4.23 -0.78
C SER B 288 5.96 4.41 -1.93
N MET B 289 5.78 3.58 -2.98
CA MET B 289 6.62 3.59 -4.17
C MET B 289 5.90 4.19 -5.38
N ASP B 290 6.53 5.21 -6.00
CA ASP B 290 6.01 5.82 -7.22
C ASP B 290 6.43 4.89 -8.35
N MET B 291 5.46 4.24 -8.97
CA MET B 291 5.67 3.27 -10.05
C MET B 291 6.19 3.86 -11.36
N LEU B 292 6.18 5.20 -11.49
CA LEU B 292 6.68 5.99 -12.63
C LEU B 292 5.94 5.78 -13.97
N LEU B 293 4.94 4.86 -14.01
CA LEU B 293 4.13 4.56 -15.21
C LEU B 293 3.22 5.73 -15.61
N LYS B 294 2.95 6.66 -14.66
CA LYS B 294 2.10 7.84 -14.87
C LYS B 294 2.89 9.13 -14.65
N LYS B 295 2.76 10.08 -15.58
CA LYS B 295 3.40 11.38 -15.45
C LYS B 295 2.43 12.25 -14.62
N TRP B 296 2.91 12.76 -13.48
CA TRP B 296 2.07 13.57 -12.59
C TRP B 296 1.94 14.99 -13.11
N ASN B 297 0.72 15.55 -13.05
CA ASN B 297 0.40 16.90 -13.54
C ASN B 297 1.09 18.02 -12.73
N SER B 298 1.49 17.71 -11.49
CA SER B 298 2.15 18.63 -10.58
C SER B 298 3.21 17.89 -9.78
N GLU B 299 4.19 18.65 -9.28
CA GLU B 299 5.27 18.14 -8.44
C GLU B 299 4.71 17.73 -7.08
N ASN B 300 5.04 16.49 -6.67
CA ASN B 300 4.62 15.87 -5.41
C ASN B 300 5.84 15.34 -4.61
N PRO B 301 5.69 14.86 -3.35
CA PRO B 301 6.88 14.37 -2.61
C PRO B 301 7.69 13.21 -3.21
N TRP B 302 7.27 12.66 -4.37
CA TRP B 302 7.97 11.57 -5.07
C TRP B 302 8.71 12.06 -6.34
N THR B 303 8.51 13.32 -6.75
CA THR B 303 9.13 13.86 -7.97
C THR B 303 10.60 14.30 -7.94
N GLY B 304 11.04 15.05 -6.94
CA GLY B 304 12.42 15.54 -6.91
C GLY B 304 13.44 14.61 -6.27
N TYR B 305 13.39 13.30 -6.63
CA TYR B 305 14.28 12.30 -6.03
C TYR B 305 14.68 11.24 -7.05
N SER B 306 15.88 10.66 -6.88
CA SER B 306 16.38 9.59 -7.75
C SER B 306 15.75 8.25 -7.38
N PRO B 307 15.34 7.41 -8.37
CA PRO B 307 14.69 6.13 -8.04
C PRO B 307 15.64 5.06 -7.47
N ILE B 308 15.06 4.14 -6.69
CA ILE B 308 15.76 3.01 -6.09
C ILE B 308 15.13 1.71 -6.63
N SER B 309 15.87 0.59 -6.58
CA SER B 309 15.40 -0.70 -7.09
C SER B 309 14.64 -1.46 -6.00
N VAL B 310 13.41 -1.87 -6.31
CA VAL B 310 12.57 -2.60 -5.37
C VAL B 310 12.37 -4.03 -5.91
N ALA B 311 12.66 -5.05 -5.08
CA ALA B 311 12.47 -6.47 -5.46
C ALA B 311 10.98 -6.68 -5.76
N TRP B 312 10.70 -7.11 -6.99
CA TRP B 312 9.35 -7.29 -7.51
C TRP B 312 8.92 -8.75 -7.63
N THR B 313 9.80 -9.58 -8.18
CA THR B 313 9.56 -11.00 -8.39
C THR B 313 10.74 -11.78 -7.80
N VAL B 314 10.45 -12.98 -7.30
CA VAL B 314 11.44 -13.87 -6.69
C VAL B 314 11.24 -15.31 -7.17
N ASP B 315 12.32 -15.97 -7.61
CA ASP B 315 12.28 -17.36 -8.02
C ASP B 315 12.38 -18.16 -6.72
N VAL B 316 11.21 -18.38 -6.08
CA VAL B 316 11.04 -19.08 -4.80
C VAL B 316 11.79 -20.43 -4.72
N PRO B 317 11.61 -21.40 -5.67
CA PRO B 317 12.36 -22.67 -5.56
C PRO B 317 13.88 -22.55 -5.65
N LYS B 318 14.39 -21.56 -6.40
CA LYS B 318 15.83 -21.35 -6.55
C LYS B 318 16.46 -20.73 -5.30
N VAL B 319 15.75 -19.78 -4.65
CA VAL B 319 16.18 -19.11 -3.43
C VAL B 319 16.23 -20.10 -2.25
N VAL B 320 15.19 -20.95 -2.09
CA VAL B 320 15.13 -21.99 -1.04
C VAL B 320 16.31 -22.97 -1.19
N ALA B 321 16.59 -23.41 -2.44
CA ALA B 321 17.68 -24.33 -2.77
C ALA B 321 19.06 -23.68 -2.53
N PHE B 322 19.15 -22.34 -2.74
CA PHE B 322 20.37 -21.58 -2.50
C PHE B 322 20.68 -21.50 -1.00
N VAL B 323 19.66 -21.16 -0.18
CA VAL B 323 19.76 -21.07 1.28
C VAL B 323 20.18 -22.45 1.81
N LYS B 324 19.52 -23.52 1.33
CA LYS B 324 19.82 -24.91 1.71
C LYS B 324 21.24 -25.33 1.38
N GLU B 325 21.74 -24.96 0.18
CA GLU B 325 23.11 -25.29 -0.23
C GLU B 325 24.18 -24.62 0.66
N LEU B 326 23.91 -23.39 1.15
CA LEU B 326 24.83 -22.65 2.01
C LEU B 326 24.81 -23.17 3.45
N VAL B 327 23.62 -23.51 3.96
CA VAL B 327 23.45 -24.01 5.33
C VAL B 327 23.97 -25.47 5.49
N THR B 328 23.71 -26.34 4.50
CA THR B 328 24.15 -27.74 4.53
C THR B 328 25.66 -27.91 4.21
N LYS B 329 26.33 -26.84 3.76
CA LYS B 329 27.75 -26.80 3.41
C LYS B 329 28.64 -27.20 4.61
N PRO B 330 29.56 -28.19 4.45
CA PRO B 330 30.39 -28.60 5.60
C PRO B 330 31.49 -27.58 5.97
#